data_3E98
#
_entry.id   3E98
#
_cell.length_a   53.841
_cell.length_b   88.114
_cell.length_c   60.963
_cell.angle_alpha   90.000
_cell.angle_beta   107.920
_cell.angle_gamma   90.000
#
_symmetry.space_group_name_H-M   'P 1 21 1'
#
loop_
_entity.id
_entity.type
_entity.pdbx_description
1 polymer 'GAF Domain of Unknown Function'
2 non-polymer 1,2-ETHANEDIOL
3 water water
#
_entity_poly.entity_id   1
_entity_poly.type   'polypeptide(L)'
_entity_poly.pdbx_seq_one_letter_code
;(MSE)GSDKIHHHHHHENLYFQG(MSE)TEKSQEPTAALDAEQVAAYLSQHPEFFVEHDELIPELRIPHQPGDAVSLVER
QVRLLRERNIE(MSE)RHRLSQL(MSE)DVARENDRLFDKTRRLVLDLLDATSLEDVVSTVEDSLRHEFQVPYVSLILFS
DSSVSVGRSVSSAEAHQAIGGLLSGGKTVCGVLRPHELAFLFGESDRDEIGSAAVVSLSFQGLHGVLAIGSPDPQHYKSS
LGTLFLGYVAEVLARVLPRFSSPLRSVR
;
_entity_poly.pdbx_strand_id   A,B
#
# COMPACT_ATOMS: atom_id res chain seq x y z
N VAL A 67 -35.29 38.91 -16.82
CA VAL A 67 -35.46 38.17 -15.52
C VAL A 67 -35.50 36.65 -15.73
N SER A 68 -35.89 36.20 -16.91
CA SER A 68 -35.93 34.76 -17.21
C SER A 68 -34.56 34.22 -17.66
N LEU A 69 -33.71 35.10 -18.20
CA LEU A 69 -32.32 34.72 -18.53
C LEU A 69 -31.58 34.43 -17.23
N VAL A 70 -31.77 35.31 -16.24
CA VAL A 70 -31.12 35.16 -14.93
C VAL A 70 -31.70 33.97 -14.13
N GLU A 71 -32.99 33.70 -14.30
CA GLU A 71 -33.62 32.54 -13.67
C GLU A 71 -33.10 31.24 -14.24
N ARG A 72 -32.93 31.21 -15.57
CA ARG A 72 -32.38 30.06 -16.29
C ARG A 72 -30.93 29.82 -15.87
N GLN A 73 -30.18 30.91 -15.74
CA GLN A 73 -28.81 30.85 -15.22
C GLN A 73 -28.71 30.21 -13.85
N VAL A 74 -29.58 30.63 -12.93
CA VAL A 74 -29.54 30.12 -11.54
C VAL A 74 -29.87 28.62 -11.48
N ARG A 75 -30.82 28.19 -12.33
CA ARG A 75 -31.28 26.80 -12.37
C ARG A 75 -30.18 25.85 -12.81
N LEU A 76 -29.46 26.24 -13.85
CA LEU A 76 -28.33 25.44 -14.34
C LEU A 76 -27.15 25.49 -13.39
N LEU A 77 -26.86 26.66 -12.81
CA LEU A 77 -25.80 26.77 -11.81
C LEU A 77 -26.07 25.88 -10.60
N ARG A 78 -27.33 25.78 -10.20
CA ARG A 78 -27.72 24.95 -9.04
C ARG A 78 -27.49 23.46 -9.27
N GLU A 79 -27.94 22.98 -10.42
CA GLU A 79 -27.75 21.60 -10.86
C GLU A 79 -26.28 21.28 -10.90
N ARG A 80 -25.50 22.09 -11.62
CA ARG A 80 -24.07 21.91 -11.67
C ARG A 80 -23.46 21.86 -10.28
N ASN A 81 -23.80 22.83 -9.44
CA ASN A 81 -23.32 22.92 -8.05
C ASN A 81 -23.62 21.64 -7.26
N ILE A 82 -24.85 21.14 -7.36
CA ILE A 82 -25.28 19.94 -6.63
C ILE A 82 -24.49 18.70 -7.08
N GLU A 83 -24.28 18.60 -8.38
CA GLU A 83 -23.59 17.48 -8.99
C GLU A 83 -22.12 17.47 -8.57
N ARG A 85 -20.85 18.92 -5.74
CA ARG A 85 -20.82 18.62 -4.31
C ARG A 85 -20.75 17.12 -4.07
N HIS A 86 -21.67 16.38 -4.71
CA HIS A 86 -21.75 14.93 -4.59
C HIS A 86 -20.48 14.28 -5.13
N ARG A 87 -20.03 14.76 -6.25
CA ARG A 87 -18.82 14.24 -6.84
C ARG A 87 -17.59 14.45 -5.92
N LEU A 88 -17.52 15.62 -5.32
CA LEU A 88 -16.43 15.94 -4.40
C LEU A 88 -16.56 15.13 -3.11
N SER A 89 -17.80 14.93 -2.67
CA SER A 89 -18.08 14.20 -1.44
C SER A 89 -17.68 12.74 -1.56
N GLN A 90 -18.06 12.11 -2.67
CA GLN A 90 -17.63 10.75 -3.02
C GLN A 90 -16.10 10.60 -3.11
N LEU A 91 -15.48 11.57 -3.78
CA LEU A 91 -14.02 11.63 -3.90
C LEU A 91 -13.32 11.70 -2.55
N ASP A 93 -14.68 10.51 0.36
CA ASP A 93 -14.96 9.22 0.96
C ASP A 93 -14.00 8.18 0.44
N VAL A 94 -13.78 8.18 -0.88
CA VAL A 94 -12.83 7.26 -1.51
C VAL A 94 -11.40 7.47 -1.01
N ALA A 95 -10.99 8.72 -0.87
CA ALA A 95 -9.63 9.04 -0.41
C ALA A 95 -9.41 8.56 1.01
N ARG A 96 -10.42 8.77 1.85
CA ARG A 96 -10.38 8.38 3.24
C ARG A 96 -10.35 6.86 3.40
N GLU A 97 -11.12 6.15 2.57
CA GLU A 97 -11.18 4.70 2.65
C GLU A 97 -9.84 4.14 2.18
N ASN A 98 -9.32 4.67 1.09
CA ASN A 98 -8.01 4.26 0.57
C ASN A 98 -6.86 4.47 1.57
N ASP A 99 -6.91 5.55 2.32
CA ASP A 99 -5.93 5.73 3.40
C ASP A 99 -6.04 4.65 4.46
N ARG A 100 -7.26 4.29 4.81
CA ARG A 100 -7.52 3.27 5.83
C ARG A 100 -7.00 1.93 5.30
N LEU A 101 -7.31 1.64 4.04
CA LEU A 101 -6.87 0.43 3.38
C LEU A 101 -5.35 0.35 3.18
N PHE A 102 -4.68 1.45 2.82
CA PHE A 102 -3.22 1.51 2.72
C PHE A 102 -2.59 1.04 4.04
N ASP A 103 -3.07 1.61 5.14
CA ASP A 103 -2.58 1.31 6.48
C ASP A 103 -2.78 -0.15 6.92
N LYS A 104 -3.97 -0.70 6.66
CA LYS A 104 -4.26 -2.08 7.02
C LYS A 104 -3.41 -3.06 6.21
N THR A 105 -3.23 -2.76 4.92
CA THR A 105 -2.38 -3.52 4.01
C THR A 105 -0.93 -3.55 4.51
N ARG A 106 -0.35 -2.38 4.73
CA ARG A 106 0.97 -2.25 5.32
C ARG A 106 1.20 -3.16 6.53
N ARG A 107 0.24 -3.12 7.45
CA ARG A 107 0.29 -3.90 8.65
C ARG A 107 0.14 -5.39 8.38
N LEU A 108 -0.69 -5.75 7.40
CA LEU A 108 -0.91 -7.16 7.07
C LEU A 108 0.39 -7.74 6.49
N VAL A 109 0.98 -7.01 5.56
CA VAL A 109 2.23 -7.39 4.90
C VAL A 109 3.29 -7.70 5.96
N LEU A 110 3.50 -6.78 6.91
CA LEU A 110 4.48 -7.01 7.98
C LEU A 110 4.11 -8.20 8.85
N ASP A 111 2.84 -8.26 9.30
CA ASP A 111 2.35 -9.44 10.04
C ASP A 111 2.63 -10.74 9.31
N LEU A 112 2.42 -10.75 8.00
CA LEU A 112 2.71 -11.97 7.19
C LEU A 112 4.19 -12.33 7.13
N LEU A 113 5.04 -11.32 6.94
CA LEU A 113 6.49 -11.51 6.95
C LEU A 113 6.98 -12.00 8.31
N ASP A 114 6.27 -11.60 9.37
CA ASP A 114 6.58 -12.01 10.74
C ASP A 114 5.93 -13.32 11.19
N ALA A 115 5.00 -13.85 10.41
CA ALA A 115 4.33 -15.11 10.75
C ALA A 115 5.34 -16.22 11.03
N THR A 116 5.09 -16.95 12.11
CA THR A 116 5.97 -18.03 12.59
C THR A 116 5.46 -19.41 12.29
N SER A 117 4.30 -19.52 11.65
CA SER A 117 3.73 -20.82 11.26
C SER A 117 2.68 -20.66 10.17
N LEU A 118 2.23 -21.80 9.63
CA LEU A 118 1.16 -21.81 8.65
C LEU A 118 -0.16 -21.36 9.27
N GLU A 119 -0.44 -21.85 10.47
CA GLU A 119 -1.64 -21.45 11.17
C GLU A 119 -1.66 -19.93 11.36
N ASP A 120 -0.53 -19.38 11.77
CA ASP A 120 -0.36 -17.95 11.97
C ASP A 120 -0.61 -17.16 10.68
N VAL A 121 -0.14 -17.72 9.55
CA VAL A 121 -0.33 -17.08 8.24
C VAL A 121 -1.83 -16.96 7.93
N VAL A 122 -2.53 -18.09 7.90
CA VAL A 122 -3.94 -18.14 7.49
C VAL A 122 -4.85 -17.36 8.47
N SER A 123 -4.57 -17.49 9.75
CA SER A 123 -5.27 -16.79 10.82
C SER A 123 -5.10 -15.27 10.72
N THR A 124 -3.90 -14.84 10.39
CA THR A 124 -3.60 -13.41 10.27
C THR A 124 -4.39 -12.81 9.09
N VAL A 125 -4.32 -13.46 7.94
CA VAL A 125 -5.04 -13.01 6.75
C VAL A 125 -6.54 -12.89 7.01
N GLU A 126 -7.15 -13.94 7.54
CA GLU A 126 -8.59 -13.94 7.71
C GLU A 126 -9.04 -12.95 8.78
N ASP A 127 -8.37 -12.93 9.92
CA ASP A 127 -8.66 -11.94 10.94
C ASP A 127 -8.48 -10.51 10.42
N SER A 128 -7.38 -10.25 9.73
CA SER A 128 -7.15 -8.91 9.19
C SER A 128 -8.22 -8.51 8.18
N LEU A 129 -8.46 -9.33 7.17
CA LEU A 129 -9.46 -9.00 6.15
C LEU A 129 -10.85 -8.80 6.74
N ARG A 130 -11.22 -9.62 7.72
CA ARG A 130 -12.53 -9.54 8.35
C ARG A 130 -12.72 -8.37 9.33
N HIS A 131 -11.70 -8.10 10.12
CA HIS A 131 -11.85 -7.24 11.28
C HIS A 131 -11.05 -5.95 11.20
N GLU A 132 -10.04 -5.93 10.33
CA GLU A 132 -9.25 -4.73 10.08
C GLU A 132 -9.75 -4.07 8.80
N PHE A 133 -9.76 -4.82 7.70
CA PHE A 133 -10.31 -4.31 6.44
C PHE A 133 -11.83 -4.26 6.50
N GLN A 134 -12.44 -5.11 7.31
CA GLN A 134 -13.88 -5.01 7.57
C GLN A 134 -14.66 -5.55 6.36
N VAL A 135 -14.12 -6.58 5.72
CA VAL A 135 -14.76 -7.23 4.57
C VAL A 135 -15.79 -8.23 5.11
N PRO A 136 -17.03 -8.20 4.60
CA PRO A 136 -18.06 -9.07 5.18
C PRO A 136 -17.97 -10.54 4.84
N TYR A 137 -17.39 -10.87 3.68
CA TYR A 137 -17.25 -12.26 3.27
C TYR A 137 -15.83 -12.49 2.87
N VAL A 138 -15.19 -13.49 3.49
CA VAL A 138 -13.77 -13.77 3.29
C VAL A 138 -13.54 -15.27 3.08
N SER A 139 -12.76 -15.62 2.06
CA SER A 139 -12.43 -17.00 1.75
C SER A 139 -10.95 -17.16 1.53
N LEU A 140 -10.35 -18.09 2.29
CA LEU A 140 -8.97 -18.48 2.09
C LEU A 140 -8.96 -19.98 2.13
N ILE A 141 -8.62 -20.58 0.98
CA ILE A 141 -8.58 -22.03 0.85
C ILE A 141 -7.20 -22.36 0.33
N LEU A 142 -6.50 -23.24 1.03
CA LEU A 142 -5.19 -23.72 0.62
C LEU A 142 -5.36 -25.08 -0.07
N PHE A 143 -4.54 -25.35 -1.08
CA PHE A 143 -4.66 -26.62 -1.82
C PHE A 143 -3.69 -27.68 -1.30
N SER A 144 -4.21 -28.87 -1.04
CA SER A 144 -3.42 -29.94 -0.45
C SER A 144 -4.13 -31.27 -0.64
N ASP A 145 -3.40 -32.26 -1.17
CA ASP A 145 -3.94 -33.62 -1.34
C ASP A 145 -4.23 -34.25 0.01
N SER A 146 -3.24 -34.19 0.90
CA SER A 146 -3.37 -34.69 2.28
C SER A 146 -3.89 -33.57 3.19
N SER A 147 -5.15 -33.20 2.98
CA SER A 147 -5.76 -32.05 3.67
C SER A 147 -5.92 -32.29 5.18
N VAL A 148 -5.07 -31.64 5.98
CA VAL A 148 -5.20 -31.66 7.45
C VAL A 148 -4.98 -30.23 7.97
N SER A 149 -6.03 -29.60 8.53
CA SER A 149 -5.92 -28.19 8.98
C SER A 149 -7.11 -27.65 9.79
N VAL A 150 -6.86 -26.57 10.54
CA VAL A 150 -7.92 -25.81 11.20
C VAL A 150 -8.72 -25.09 10.12
N GLY A 151 -8.00 -24.28 9.33
CA GLY A 151 -8.60 -23.59 8.19
C GLY A 151 -8.95 -24.52 7.04
N ARG A 152 -9.55 -23.96 6.01
CA ARG A 152 -10.00 -24.74 4.83
C ARG A 152 -8.87 -25.21 3.93
N SER A 153 -8.99 -26.47 3.54
CA SER A 153 -8.02 -27.13 2.70
C SER A 153 -8.76 -28.13 1.81
N VAL A 154 -8.61 -27.98 0.49
CA VAL A 154 -9.15 -28.92 -0.50
C VAL A 154 -8.03 -29.32 -1.43
N SER A 155 -8.20 -30.40 -2.18
CA SER A 155 -7.19 -30.79 -3.17
C SER A 155 -7.29 -29.87 -4.39
N SER A 156 -6.16 -29.62 -5.04
CA SER A 156 -6.15 -28.81 -6.25
C SER A 156 -7.21 -29.29 -7.26
N ALA A 157 -7.33 -30.60 -7.42
CA ALA A 157 -8.32 -31.21 -8.31
C ALA A 157 -9.74 -30.76 -7.96
N GLU A 158 -10.06 -30.82 -6.66
CA GLU A 158 -11.36 -30.38 -6.18
C GLU A 158 -11.59 -28.88 -6.39
N ALA A 159 -10.54 -28.09 -6.22
CA ALA A 159 -10.62 -26.66 -6.43
C ALA A 159 -10.95 -26.37 -7.88
N HIS A 160 -10.18 -26.96 -8.80
CA HIS A 160 -10.38 -26.74 -10.23
C HIS A 160 -11.75 -27.16 -10.76
N GLN A 161 -12.31 -28.24 -10.22
CA GLN A 161 -13.67 -28.64 -10.58
C GLN A 161 -14.70 -27.53 -10.30
N ALA A 162 -14.50 -26.76 -9.22
CA ALA A 162 -15.44 -25.73 -8.79
C ALA A 162 -15.17 -24.36 -9.40
N ILE A 163 -13.91 -23.96 -9.40
CA ILE A 163 -13.53 -22.60 -9.81
C ILE A 163 -12.22 -22.53 -10.65
N GLY A 164 -11.89 -23.62 -11.35
CA GLY A 164 -10.64 -23.73 -12.10
C GLY A 164 -10.36 -22.65 -13.14
N GLY A 165 -11.39 -22.18 -13.82
CA GLY A 165 -11.24 -21.09 -14.78
C GLY A 165 -10.65 -19.83 -14.15
N LEU A 166 -11.04 -19.55 -12.91
CA LEU A 166 -10.53 -18.40 -12.18
C LEU A 166 -9.13 -18.67 -11.60
N LEU A 167 -8.86 -19.91 -11.22
CA LEU A 167 -7.54 -20.29 -10.72
C LEU A 167 -6.46 -20.18 -11.79
N SER A 168 -6.81 -20.55 -13.02
CA SER A 168 -5.88 -20.48 -14.15
C SER A 168 -5.57 -19.03 -14.57
N GLY A 169 -6.15 -18.06 -13.87
CA GLY A 169 -5.87 -16.64 -14.13
C GLY A 169 -7.00 -15.93 -14.86
N GLY A 170 -8.13 -16.61 -15.02
CA GLY A 170 -9.29 -16.03 -15.73
C GLY A 170 -9.99 -14.95 -14.93
N LYS A 171 -10.76 -14.12 -15.63
CA LYS A 171 -11.47 -12.99 -15.04
C LYS A 171 -12.99 -13.25 -15.02
N THR A 172 -13.67 -12.82 -13.95
CA THR A 172 -15.14 -12.92 -13.90
C THR A 172 -15.74 -11.70 -14.61
N VAL A 173 -17.00 -11.83 -15.00
CA VAL A 173 -17.70 -10.73 -15.66
C VAL A 173 -18.51 -9.97 -14.60
N CYS A 174 -18.03 -8.78 -14.23
CA CYS A 174 -18.68 -7.88 -13.26
C CYS A 174 -18.77 -8.41 -11.83
N GLY A 175 -17.73 -9.09 -11.37
CA GLY A 175 -17.67 -9.62 -10.01
C GLY A 175 -18.77 -10.62 -9.67
N VAL A 176 -19.41 -11.17 -10.70
CA VAL A 176 -20.53 -12.09 -10.50
C VAL A 176 -20.02 -13.50 -10.60
N LEU A 177 -20.07 -14.21 -9.48
CA LEU A 177 -19.73 -15.61 -9.46
C LEU A 177 -21.04 -16.36 -9.65
N ARG A 178 -20.94 -17.61 -10.07
CA ARG A 178 -22.09 -18.46 -10.25
C ARG A 178 -22.36 -19.21 -8.94
N PRO A 179 -23.64 -19.52 -8.65
CA PRO A 179 -24.06 -20.18 -7.42
C PRO A 179 -23.08 -21.23 -6.87
N HIS A 180 -22.70 -22.19 -7.69
CA HIS A 180 -21.78 -23.25 -7.26
C HIS A 180 -20.39 -22.71 -6.87
N GLU A 181 -19.99 -21.58 -7.46
CA GLU A 181 -18.69 -20.93 -7.16
C GLU A 181 -18.76 -20.22 -5.83
N LEU A 182 -19.84 -19.47 -5.60
CA LEU A 182 -20.15 -18.85 -4.32
C LEU A 182 -20.20 -19.87 -3.17
N ALA A 183 -20.87 -20.97 -3.41
CA ALA A 183 -21.02 -22.04 -2.43
C ALA A 183 -19.72 -22.76 -2.12
N PHE A 184 -18.76 -22.75 -3.05
CA PHE A 184 -17.45 -23.37 -2.83
C PHE A 184 -16.56 -22.43 -2.06
N LEU A 185 -16.62 -21.15 -2.40
CA LEU A 185 -15.76 -20.15 -1.80
C LEU A 185 -16.22 -19.71 -0.40
N PHE A 186 -17.51 -19.50 -0.22
CA PHE A 186 -17.99 -18.81 0.96
C PHE A 186 -18.83 -19.66 1.93
N GLY A 187 -18.32 -19.80 3.14
CA GLY A 187 -19.00 -20.53 4.21
C GLY A 187 -20.05 -19.74 4.97
N GLU A 188 -20.01 -18.41 4.89
CA GLU A 188 -20.98 -17.56 5.61
C GLU A 188 -22.42 -17.97 5.30
N SER A 189 -23.23 -18.10 6.36
CA SER A 189 -24.64 -18.54 6.21
C SER A 189 -25.50 -17.59 5.35
N ASP A 190 -25.07 -16.33 5.26
CA ASP A 190 -25.74 -15.34 4.42
C ASP A 190 -24.95 -14.99 3.16
N ARG A 191 -24.24 -15.97 2.58
CA ARG A 191 -23.53 -15.76 1.32
C ARG A 191 -24.48 -15.51 0.16
N ASP A 192 -25.71 -16.02 0.30
CA ASP A 192 -26.80 -15.72 -0.64
C ASP A 192 -27.03 -14.20 -0.83
N GLU A 193 -26.45 -13.37 0.06
CA GLU A 193 -26.56 -11.93 -0.04
C GLU A 193 -25.35 -11.23 -0.66
N ILE A 194 -24.35 -12.00 -1.09
CA ILE A 194 -23.20 -11.44 -1.79
C ILE A 194 -23.68 -10.88 -3.15
N GLY A 195 -23.35 -9.62 -3.42
CA GLY A 195 -23.71 -8.93 -4.66
C GLY A 195 -22.57 -8.92 -5.66
N SER A 196 -21.35 -8.75 -5.18
CA SER A 196 -20.15 -8.87 -6.01
C SER A 196 -19.02 -9.50 -5.23
N ALA A 197 -18.05 -10.06 -5.94
CA ALA A 197 -16.91 -10.71 -5.32
C ALA A 197 -15.66 -10.52 -6.16
N ALA A 198 -14.50 -10.56 -5.50
CA ALA A 198 -13.21 -10.63 -6.20
C ALA A 198 -12.48 -11.89 -5.73
N VAL A 199 -11.88 -12.61 -6.67
CA VAL A 199 -11.19 -13.88 -6.40
C VAL A 199 -9.80 -13.81 -7.02
N VAL A 200 -8.77 -14.25 -6.29
CA VAL A 200 -7.41 -14.31 -6.82
C VAL A 200 -6.72 -15.59 -6.36
N SER A 201 -6.01 -16.24 -7.26
CA SER A 201 -5.28 -17.42 -6.89
C SER A 201 -3.97 -17.02 -6.24
N LEU A 202 -3.47 -17.88 -5.38
CA LEU A 202 -2.23 -17.65 -4.65
C LEU A 202 -1.15 -18.46 -5.33
N SER A 203 -0.47 -17.85 -6.30
CA SER A 203 0.59 -18.53 -7.00
C SER A 203 1.88 -17.73 -7.06
N PHE A 204 2.94 -18.40 -6.63
CA PHE A 204 4.27 -17.90 -6.74
C PHE A 204 5.14 -19.13 -6.66
N GLN A 205 5.75 -19.50 -7.78
CA GLN A 205 6.50 -20.75 -7.88
C GLN A 205 5.61 -21.89 -7.38
N GLY A 206 4.42 -21.99 -7.98
CA GLY A 206 3.41 -22.98 -7.60
C GLY A 206 2.07 -22.33 -7.28
N LEU A 207 1.00 -23.12 -7.36
CA LEU A 207 -0.34 -22.66 -7.01
C LEU A 207 -0.59 -23.13 -5.57
N HIS A 208 -0.74 -22.18 -4.65
CA HIS A 208 -0.86 -22.51 -3.23
C HIS A 208 -2.30 -22.53 -2.73
N GLY A 209 -3.20 -21.83 -3.41
CA GLY A 209 -4.58 -21.74 -2.94
C GLY A 209 -5.34 -20.62 -3.61
N VAL A 210 -6.45 -20.23 -2.99
CA VAL A 210 -7.32 -19.17 -3.50
C VAL A 210 -7.75 -18.23 -2.36
N LEU A 211 -7.83 -16.94 -2.67
CA LEU A 211 -8.27 -15.91 -1.74
C LEU A 211 -9.45 -15.18 -2.39
N ALA A 212 -10.52 -14.98 -1.63
CA ALA A 212 -11.72 -14.35 -2.18
C ALA A 212 -12.40 -13.43 -1.16
N ILE A 213 -12.88 -12.28 -1.63
CA ILE A 213 -13.63 -11.35 -0.81
C ILE A 213 -14.94 -11.03 -1.49
N GLY A 214 -15.98 -10.79 -0.70
CA GLY A 214 -17.32 -10.53 -1.21
C GLY A 214 -18.03 -9.42 -0.47
N SER A 215 -18.98 -8.76 -1.14
CA SER A 215 -19.76 -7.68 -0.54
C SER A 215 -21.21 -7.79 -0.97
N PRO A 216 -22.15 -7.35 -0.12
CA PRO A 216 -23.53 -7.22 -0.60
C PRO A 216 -23.69 -6.20 -1.74
N ASP A 217 -22.83 -5.20 -1.79
CA ASP A 217 -22.82 -4.18 -2.85
C ASP A 217 -22.32 -4.73 -4.19
N PRO A 218 -23.19 -4.73 -5.23
CA PRO A 218 -22.82 -5.20 -6.58
C PRO A 218 -21.72 -4.43 -7.33
N GLN A 219 -21.42 -3.21 -6.88
CA GLN A 219 -20.39 -2.39 -7.54
C GLN A 219 -19.05 -2.44 -6.83
N HIS A 220 -18.96 -3.25 -5.79
CA HIS A 220 -17.77 -3.29 -4.95
C HIS A 220 -16.57 -3.94 -5.63
N TYR A 221 -16.79 -4.88 -6.53
CA TYR A 221 -15.70 -5.53 -7.27
C TYR A 221 -14.78 -4.53 -8.04
N LYS A 222 -15.31 -3.34 -8.34
CA LYS A 222 -14.56 -2.27 -9.02
C LYS A 222 -13.68 -1.42 -8.09
N SER A 223 -13.91 -1.52 -6.78
CA SER A 223 -13.24 -0.67 -5.80
C SER A 223 -11.74 -0.94 -5.72
N SER A 224 -11.01 -0.01 -5.13
CA SER A 224 -9.58 -0.20 -4.90
C SER A 224 -9.30 -1.47 -4.07
N LEU A 225 -10.18 -1.80 -3.14
CA LEU A 225 -10.05 -3.05 -2.37
C LEU A 225 -10.04 -4.26 -3.31
N GLY A 226 -11.02 -4.30 -4.20
CA GLY A 226 -11.23 -5.42 -5.09
C GLY A 226 -10.15 -5.52 -6.14
N THR A 227 -9.57 -4.38 -6.49
CA THR A 227 -8.55 -4.33 -7.52
C THR A 227 -7.15 -4.34 -6.85
N LEU A 228 -6.59 -3.16 -6.59
CA LEU A 228 -5.25 -3.01 -5.99
C LEU A 228 -4.91 -3.86 -4.76
N PHE A 229 -5.63 -3.62 -3.67
CA PHE A 229 -5.25 -4.16 -2.34
C PHE A 229 -5.27 -5.67 -2.22
N LEU A 230 -6.33 -6.29 -2.76
CA LEU A 230 -6.48 -7.73 -2.74
C LEU A 230 -5.35 -8.41 -3.52
N GLY A 231 -5.06 -7.91 -4.70
CA GLY A 231 -4.01 -8.44 -5.55
C GLY A 231 -2.64 -8.35 -4.90
N TYR A 232 -2.37 -7.24 -4.22
CA TYR A 232 -1.09 -7.06 -3.53
C TYR A 232 -0.98 -7.96 -2.31
N VAL A 233 -2.06 -8.10 -1.54
CA VAL A 233 -2.09 -9.02 -0.39
C VAL A 233 -1.79 -10.46 -0.85
N ALA A 234 -2.41 -10.86 -1.96
CA ALA A 234 -2.24 -12.18 -2.58
C ALA A 234 -0.82 -12.49 -3.01
N GLU A 235 -0.16 -11.49 -3.58
CA GLU A 235 1.24 -11.59 -4.02
C GLU A 235 2.17 -11.81 -2.85
N VAL A 236 1.94 -11.11 -1.73
CA VAL A 236 2.78 -11.27 -0.55
C VAL A 236 2.45 -12.60 0.10
N LEU A 237 1.16 -12.91 0.17
CA LEU A 237 0.72 -14.17 0.75
C LEU A 237 1.22 -15.37 -0.05
N ALA A 238 1.14 -15.30 -1.37
CA ALA A 238 1.67 -16.37 -2.25
C ALA A 238 3.17 -16.62 -2.02
N ARG A 239 3.93 -15.57 -1.79
CA ARG A 239 5.38 -15.65 -1.48
C ARG A 239 5.69 -16.21 -0.10
N VAL A 240 4.82 -15.98 0.87
CA VAL A 240 5.08 -16.37 2.26
C VAL A 240 4.65 -17.81 2.56
N LEU A 241 3.57 -18.26 1.95
CA LEU A 241 3.07 -19.63 2.10
C LEU A 241 4.11 -20.75 1.86
N PRO A 242 4.88 -20.69 0.74
CA PRO A 242 5.94 -21.68 0.48
C PRO A 242 6.83 -21.99 1.68
N ARG A 243 7.13 -21.01 2.51
CA ARG A 243 7.97 -21.24 3.70
C ARG A 243 7.34 -22.18 4.74
N PHE A 244 6.15 -22.75 4.48
CA PHE A 244 5.45 -23.62 5.46
C PHE A 244 4.74 -24.80 4.79
N ASP B 65 -33.81 45.67 -8.04
CA ASP B 65 -33.73 45.06 -6.67
C ASP B 65 -34.03 43.56 -6.74
N ALA B 66 -35.13 43.20 -7.38
CA ALA B 66 -35.51 41.79 -7.54
C ALA B 66 -34.52 41.05 -8.45
N VAL B 67 -34.02 41.74 -9.48
CA VAL B 67 -33.02 41.17 -10.41
C VAL B 67 -31.63 41.15 -9.76
N SER B 68 -31.29 42.23 -9.06
CA SER B 68 -30.02 42.35 -8.34
C SER B 68 -29.82 41.21 -7.32
N LEU B 69 -30.91 40.76 -6.70
CA LEU B 69 -30.88 39.63 -5.76
C LEU B 69 -30.55 38.30 -6.44
N VAL B 70 -31.24 38.00 -7.54
CA VAL B 70 -30.98 36.77 -8.30
C VAL B 70 -29.63 36.81 -9.03
N GLU B 71 -29.19 38.01 -9.41
CA GLU B 71 -27.84 38.20 -9.94
C GLU B 71 -26.78 37.86 -8.90
N ARG B 72 -27.01 38.28 -7.66
CA ARG B 72 -26.14 37.97 -6.54
C ARG B 72 -26.14 36.47 -6.25
N GLN B 73 -27.29 35.81 -6.41
CA GLN B 73 -27.40 34.35 -6.32
C GLN B 73 -26.51 33.67 -7.32
N VAL B 74 -26.41 34.26 -8.52
CA VAL B 74 -25.56 33.75 -9.60
C VAL B 74 -24.09 33.92 -9.24
N ARG B 75 -23.69 35.13 -8.81
CA ARG B 75 -22.29 35.36 -8.37
C ARG B 75 -21.85 34.39 -7.28
N LEU B 76 -22.68 34.23 -6.26
CA LEU B 76 -22.38 33.33 -5.14
C LEU B 76 -22.25 31.88 -5.60
N LEU B 77 -23.14 31.44 -6.49
CA LEU B 77 -23.09 30.07 -7.04
C LEU B 77 -21.83 29.84 -7.87
N ARG B 78 -21.42 30.84 -8.65
CA ARG B 78 -20.21 30.75 -9.48
C ARG B 78 -18.98 30.67 -8.61
N GLU B 79 -18.90 31.55 -7.61
CA GLU B 79 -17.82 31.51 -6.64
C GLU B 79 -17.72 30.12 -6.02
N ARG B 80 -18.84 29.59 -5.55
CA ARG B 80 -18.86 28.25 -4.97
C ARG B 80 -18.38 27.18 -5.93
N ASN B 81 -18.89 27.17 -7.15
CA ASN B 81 -18.51 26.19 -8.16
C ASN B 81 -17.02 26.29 -8.53
N ILE B 82 -16.48 27.51 -8.61
CA ILE B 82 -15.04 27.67 -8.88
C ILE B 82 -14.22 27.09 -7.71
N GLU B 83 -14.60 27.44 -6.48
CA GLU B 83 -13.98 26.90 -5.26
C GLU B 83 -13.99 25.35 -5.21
N ARG B 85 -14.23 23.37 -7.86
CA ARG B 85 -13.39 22.89 -8.96
C ARG B 85 -11.94 22.85 -8.49
N HIS B 86 -11.54 23.80 -7.65
CA HIS B 86 -10.19 23.84 -7.10
CA HIS B 86 -10.20 23.83 -7.12
C HIS B 86 -9.98 22.65 -6.14
N ARG B 87 -10.95 22.40 -5.28
CA ARG B 87 -10.86 21.28 -4.33
C ARG B 87 -10.83 19.93 -5.04
N LEU B 88 -11.74 19.75 -5.99
CA LEU B 88 -11.81 18.53 -6.78
C LEU B 88 -10.47 18.23 -7.45
N SER B 89 -9.92 19.25 -8.10
CA SER B 89 -8.64 19.16 -8.78
C SER B 89 -7.48 18.86 -7.80
N GLN B 90 -7.49 19.52 -6.64
CA GLN B 90 -6.48 19.27 -5.64
C GLN B 90 -6.59 17.83 -5.08
N LEU B 91 -7.82 17.33 -4.92
CA LEU B 91 -8.04 15.95 -4.46
C LEU B 91 -7.66 14.91 -5.48
N ASP B 93 -5.28 15.28 -7.62
CA ASP B 93 -3.82 15.32 -7.65
C ASP B 93 -3.25 14.40 -6.58
N VAL B 94 -3.70 14.56 -5.34
CA VAL B 94 -3.25 13.72 -4.24
C VAL B 94 -3.67 12.24 -4.42
N ALA B 95 -4.83 11.98 -5.01
CA ALA B 95 -5.24 10.62 -5.34
C ALA B 95 -4.23 9.99 -6.30
N ARG B 96 -3.93 10.69 -7.39
CA ARG B 96 -2.96 10.20 -8.38
C ARG B 96 -1.57 9.94 -7.79
N GLU B 97 -1.14 10.79 -6.86
CA GLU B 97 0.14 10.63 -6.21
C GLU B 97 0.16 9.41 -5.26
N ASN B 98 -0.91 9.21 -4.50
CA ASN B 98 -1.00 8.05 -3.61
C ASN B 98 -1.06 6.75 -4.39
N ASP B 99 -1.67 6.78 -5.57
CA ASP B 99 -1.65 5.63 -6.46
C ASP B 99 -0.19 5.30 -6.87
N ARG B 100 0.61 6.33 -7.12
CA ARG B 100 2.02 6.17 -7.49
C ARG B 100 2.86 5.63 -6.36
N LEU B 101 2.83 6.31 -5.20
CA LEU B 101 3.51 5.87 -3.99
C LEU B 101 3.14 4.44 -3.65
N PHE B 102 1.87 4.11 -3.82
CA PHE B 102 1.41 2.75 -3.57
C PHE B 102 2.03 1.75 -4.53
N ASP B 103 1.99 2.07 -5.82
CA ASP B 103 2.51 1.16 -6.84
C ASP B 103 4.03 0.96 -6.74
N LYS B 104 4.74 2.03 -6.42
CA LYS B 104 6.17 1.99 -6.29
C LYS B 104 6.60 1.21 -5.08
N THR B 105 5.83 1.35 -4.00
CA THR B 105 6.05 0.65 -2.74
C THR B 105 5.81 -0.85 -2.92
N ARG B 106 4.72 -1.21 -3.56
CA ARG B 106 4.42 -2.59 -3.92
C ARG B 106 5.56 -3.23 -4.69
N ARG B 107 5.98 -2.61 -5.79
CA ARG B 107 7.09 -3.15 -6.60
C ARG B 107 8.37 -3.27 -5.81
N LEU B 108 8.64 -2.31 -4.92
CA LEU B 108 9.79 -2.39 -4.04
C LEU B 108 9.69 -3.57 -3.09
N VAL B 109 8.54 -3.71 -2.43
CA VAL B 109 8.33 -4.80 -1.48
C VAL B 109 8.50 -6.16 -2.20
N LEU B 110 7.85 -6.35 -3.34
CA LEU B 110 7.96 -7.61 -4.08
C LEU B 110 9.38 -7.86 -4.63
N ASP B 111 10.03 -6.85 -5.18
CA ASP B 111 11.42 -7.01 -5.63
C ASP B 111 12.38 -7.36 -4.47
N LEU B 112 12.18 -6.74 -3.31
CA LEU B 112 12.98 -7.06 -2.13
C LEU B 112 12.77 -8.50 -1.65
N LEU B 113 11.50 -8.93 -1.60
CA LEU B 113 11.15 -10.31 -1.23
C LEU B 113 11.70 -11.35 -2.22
N ASP B 114 11.81 -10.99 -3.49
CA ASP B 114 12.30 -11.89 -4.53
C ASP B 114 13.81 -11.79 -4.75
N ALA B 115 14.47 -10.89 -4.01
CA ALA B 115 15.92 -10.75 -4.08
C ALA B 115 16.64 -12.06 -3.71
N THR B 116 17.66 -12.40 -4.48
CA THR B 116 18.44 -13.63 -4.29
C THR B 116 19.83 -13.38 -3.68
N SER B 117 20.24 -12.12 -3.57
CA SER B 117 21.51 -11.78 -2.93
C SER B 117 21.43 -10.46 -2.19
N LEU B 118 22.43 -10.19 -1.36
CA LEU B 118 22.53 -8.93 -0.63
C LEU B 118 22.80 -7.77 -1.57
N GLU B 119 23.53 -8.05 -2.63
CA GLU B 119 23.84 -7.05 -3.63
C GLU B 119 22.58 -6.68 -4.40
N ASP B 120 21.74 -7.67 -4.70
CA ASP B 120 20.48 -7.39 -5.40
CA ASP B 120 20.44 -7.49 -5.36
C ASP B 120 19.53 -6.63 -4.48
N VAL B 121 19.53 -6.92 -3.18
CA VAL B 121 18.74 -6.14 -2.22
C VAL B 121 19.16 -4.66 -2.21
N VAL B 122 20.47 -4.41 -2.08
CA VAL B 122 21.01 -3.04 -2.08
C VAL B 122 20.67 -2.31 -3.36
N SER B 123 20.93 -2.95 -4.49
CA SER B 123 20.60 -2.39 -5.82
C SER B 123 19.14 -2.05 -5.99
N THR B 124 18.27 -2.94 -5.54
CA THR B 124 16.82 -2.73 -5.59
C THR B 124 16.42 -1.47 -4.81
N VAL B 125 16.87 -1.37 -3.56
CA VAL B 125 16.49 -0.25 -2.70
C VAL B 125 16.96 1.06 -3.30
N GLU B 126 18.22 1.13 -3.72
CA GLU B 126 18.80 2.34 -4.34
C GLU B 126 18.17 2.71 -5.68
N ASP B 127 17.94 1.73 -6.55
CA ASP B 127 17.26 2.00 -7.80
C ASP B 127 15.84 2.56 -7.61
N SER B 128 15.07 1.96 -6.68
CA SER B 128 13.71 2.40 -6.41
C SER B 128 13.65 3.79 -5.82
N LEU B 129 14.39 4.01 -4.73
CA LEU B 129 14.40 5.31 -4.08
C LEU B 129 14.82 6.43 -5.01
N ARG B 130 15.88 6.21 -5.78
CA ARG B 130 16.39 7.20 -6.73
C ARG B 130 15.50 7.47 -7.95
N HIS B 131 14.98 6.40 -8.56
CA HIS B 131 14.33 6.49 -9.88
C HIS B 131 12.82 6.24 -9.92
N GLU B 132 12.24 5.67 -8.86
CA GLU B 132 10.79 5.54 -8.75
C GLU B 132 10.29 6.66 -7.86
N PHE B 133 10.92 6.80 -6.69
CA PHE B 133 10.56 7.82 -5.73
C PHE B 133 11.29 9.15 -5.96
N GLN B 134 12.24 9.20 -6.88
CA GLN B 134 12.87 10.47 -7.25
C GLN B 134 13.44 11.18 -6.03
N VAL B 135 14.21 10.47 -5.23
CA VAL B 135 14.89 11.05 -4.09
C VAL B 135 16.23 11.52 -4.61
N PRO B 136 16.54 12.82 -4.45
CA PRO B 136 17.82 13.36 -4.93
C PRO B 136 19.06 12.69 -4.33
N TYR B 137 19.08 12.49 -3.01
CA TYR B 137 20.21 11.86 -2.34
C TYR B 137 19.74 10.65 -1.51
N VAL B 138 20.35 9.51 -1.78
CA VAL B 138 20.01 8.25 -1.15
C VAL B 138 21.29 7.66 -0.58
N SER B 139 21.26 7.25 0.68
CA SER B 139 22.40 6.58 1.30
C SER B 139 21.90 5.35 2.06
N LEU B 140 22.41 4.19 1.67
CA LEU B 140 22.13 2.92 2.31
C LEU B 140 23.48 2.38 2.75
N ILE B 141 23.69 2.32 4.06
CA ILE B 141 24.93 1.85 4.64
C ILE B 141 24.59 0.66 5.52
N LEU B 142 25.18 -0.49 5.22
CA LEU B 142 24.95 -1.71 6.00
C LEU B 142 26.05 -1.84 7.01
N PHE B 143 25.78 -2.47 8.14
CA PHE B 143 26.80 -2.66 9.18
C PHE B 143 27.32 -4.07 9.12
N SER B 144 28.64 -4.20 9.14
CA SER B 144 29.30 -5.48 9.02
C SER B 144 30.71 -5.41 9.55
N ASP B 145 31.09 -6.42 10.33
CA ASP B 145 32.46 -6.58 10.82
C ASP B 145 33.38 -7.24 9.77
N SER B 146 32.80 -7.80 8.70
CA SER B 146 33.56 -8.49 7.65
C SER B 146 34.62 -7.60 7.00
N ARG B 152 27.93 0.21 0.00
CA ARG B 152 28.93 0.53 1.03
C ARG B 152 28.52 0.00 2.39
N SER B 153 29.54 -0.31 3.20
CA SER B 153 29.30 -0.90 4.51
C SER B 153 30.45 -0.58 5.46
N VAL B 154 30.08 -0.35 6.72
CA VAL B 154 31.04 0.00 7.76
C VAL B 154 30.83 -0.93 8.94
N SER B 155 31.78 -0.91 9.87
CA SER B 155 31.60 -1.58 11.16
C SER B 155 30.54 -0.83 11.96
N SER B 156 29.72 -1.57 12.69
CA SER B 156 28.75 -0.98 13.59
C SER B 156 29.41 0.02 14.54
N ALA B 157 30.60 -0.34 15.05
CA ALA B 157 31.38 0.52 15.94
C ALA B 157 31.86 1.79 15.23
N GLU B 158 32.20 1.68 13.95
CA GLU B 158 32.57 2.84 13.12
C GLU B 158 31.37 3.76 12.89
N ALA B 159 30.20 3.15 12.72
CA ALA B 159 28.94 3.88 12.54
C ALA B 159 28.61 4.75 13.78
N HIS B 160 28.68 4.15 14.96
CA HIS B 160 28.41 4.88 16.21
C HIS B 160 29.45 5.96 16.48
N GLN B 161 30.70 5.72 16.10
CA GLN B 161 31.73 6.74 16.25
C GLN B 161 31.43 7.96 15.38
N ALA B 162 30.96 7.72 14.17
CA ALA B 162 30.70 8.79 13.21
C ALA B 162 29.43 9.57 13.53
N ILE B 163 28.33 8.84 13.70
CA ILE B 163 27.00 9.43 13.83
C ILE B 163 26.22 8.93 15.03
N GLY B 164 26.92 8.42 16.04
CA GLY B 164 26.26 7.97 17.26
C GLY B 164 25.56 9.14 17.93
N GLY B 165 24.31 8.91 18.30
CA GLY B 165 23.44 9.97 18.81
C GLY B 165 22.34 10.31 17.82
N LEU B 166 22.35 9.63 16.68
CA LEU B 166 21.32 9.79 15.66
C LEU B 166 20.32 8.64 15.77
N LEU B 167 20.82 7.41 15.80
CA LEU B 167 19.96 6.21 15.92
C LEU B 167 19.38 6.03 17.33
N SER B 168 18.04 6.06 17.44
CA SER B 168 17.31 5.79 18.70
C SER B 168 15.82 6.09 18.55
N GLY B 170 14.67 3.33 16.46
CA GLY B 170 13.50 2.96 15.67
C GLY B 170 12.84 4.11 14.91
N LYS B 171 12.70 5.27 15.58
CA LYS B 171 12.03 6.44 14.98
C LYS B 171 12.85 7.13 13.86
N THR B 172 12.13 7.72 12.91
CA THR B 172 12.73 8.47 11.80
C THR B 172 13.07 9.89 12.23
N VAL B 173 14.32 10.29 12.07
CA VAL B 173 14.76 11.65 12.34
C VAL B 173 14.76 12.42 11.03
N CYS B 174 14.25 13.65 11.02
CA CYS B 174 14.25 14.44 9.79
C CYS B 174 14.49 15.94 9.99
N GLY B 175 14.58 16.67 8.88
CA GLY B 175 14.90 18.09 8.86
C GLY B 175 16.39 18.35 8.70
N VAL B 176 16.88 19.37 9.39
CA VAL B 176 18.30 19.72 9.36
C VAL B 176 19.09 18.83 10.32
N LEU B 177 19.87 17.90 9.75
CA LEU B 177 20.77 17.05 10.53
C LEU B 177 22.02 17.85 10.78
N ARG B 178 22.91 17.31 11.61
CA ARG B 178 24.14 18.02 11.94
C ARG B 178 25.13 17.86 10.81
N PRO B 179 26.05 18.83 10.64
CA PRO B 179 27.00 18.78 9.54
C PRO B 179 27.75 17.45 9.45
N HIS B 180 28.30 16.99 10.56
CA HIS B 180 29.09 15.77 10.56
C HIS B 180 28.27 14.50 10.25
N GLU B 181 26.96 14.58 10.45
CA GLU B 181 26.05 13.44 10.15
C GLU B 181 25.69 13.40 8.68
N LEU B 182 25.50 14.59 8.08
CA LEU B 182 25.30 14.71 6.64
C LEU B 182 26.58 14.30 5.90
N ALA B 183 27.74 14.60 6.48
CA ALA B 183 29.01 14.17 5.91
C ALA B 183 29.12 12.64 5.82
N PHE B 184 28.77 11.93 6.90
CA PHE B 184 28.90 10.47 6.95
C PHE B 184 27.89 9.75 6.07
N LEU B 185 26.65 10.24 6.08
CA LEU B 185 25.59 9.61 5.33
C LEU B 185 25.74 9.88 3.84
N PHE B 186 25.85 11.15 3.46
CA PHE B 186 25.85 11.58 2.07
C PHE B 186 27.19 11.98 1.46
N GLY B 187 28.28 11.94 2.23
CA GLY B 187 29.58 12.33 1.72
C GLY B 187 29.82 13.83 1.81
N GLU B 188 31.09 14.19 1.80
CA GLU B 188 31.50 15.58 1.97
C GLU B 188 30.92 16.53 0.91
N SER B 189 31.00 16.13 -0.36
CA SER B 189 30.50 16.93 -1.50
C SER B 189 29.02 17.30 -1.38
N ASP B 190 28.17 16.28 -1.35
CA ASP B 190 26.71 16.44 -1.36
C ASP B 190 26.15 17.17 -0.15
N ARG B 191 26.80 17.00 1.02
CA ARG B 191 26.40 17.67 2.26
C ARG B 191 25.82 19.06 2.03
N ASP B 192 26.55 19.87 1.28
CA ASP B 192 26.22 21.29 1.10
C ASP B 192 24.96 21.58 0.27
N GLU B 193 24.61 20.66 -0.63
CA GLU B 193 23.39 20.81 -1.44
C GLU B 193 22.17 20.19 -0.76
N ILE B 194 22.34 19.65 0.45
CA ILE B 194 21.23 19.02 1.18
C ILE B 194 20.68 20.02 2.20
N GLY B 195 19.39 20.32 2.06
CA GLY B 195 18.70 21.26 2.94
C GLY B 195 17.94 20.54 4.02
N SER B 196 17.28 19.46 3.64
CA SER B 196 16.56 18.59 4.57
C SER B 196 16.92 17.13 4.30
N ALA B 197 16.68 16.29 5.30
CA ALA B 197 17.05 14.89 5.22
C ALA B 197 16.32 14.09 6.27
N ALA B 198 16.01 12.83 5.97
CA ALA B 198 15.36 11.91 6.89
C ALA B 198 16.18 10.60 6.99
N VAL B 199 16.45 10.13 8.20
CA VAL B 199 17.28 8.95 8.44
C VAL B 199 16.55 7.95 9.35
N VAL B 200 16.79 6.67 9.12
CA VAL B 200 16.17 5.64 9.91
C VAL B 200 17.17 4.50 10.11
N SER B 201 17.07 3.88 11.27
CA SER B 201 17.86 2.72 11.60
C SER B 201 17.18 1.49 10.98
N LEU B 202 17.98 0.61 10.39
CA LEU B 202 17.46 -0.62 9.79
C LEU B 202 17.64 -1.67 10.86
N SER B 203 16.61 -1.83 11.70
CA SER B 203 16.72 -2.78 12.79
C SER B 203 15.46 -3.63 12.91
N PHE B 204 15.73 -4.93 13.00
CA PHE B 204 14.71 -5.92 13.22
C PHE B 204 15.51 -7.09 13.75
N GLN B 205 15.31 -7.41 15.03
CA GLN B 205 16.08 -8.47 15.67
C GLN B 205 17.56 -8.26 15.37
N GLY B 206 18.03 -7.05 15.65
CA GLY B 206 19.39 -6.62 15.33
C GLY B 206 19.44 -5.37 14.48
N LEU B 207 20.55 -4.64 14.59
CA LEU B 207 20.80 -3.41 13.87
C LEU B 207 21.57 -3.78 12.61
N HIS B 208 20.97 -3.59 11.44
CA HIS B 208 21.57 -4.03 10.17
C HIS B 208 22.18 -2.89 9.38
N GLY B 209 21.99 -1.66 9.82
CA GLY B 209 22.48 -0.51 9.08
C GLY B 209 21.59 0.70 9.21
N VAL B 210 21.76 1.63 8.29
CA VAL B 210 21.07 2.90 8.31
C VAL B 210 20.66 3.26 6.88
N LEU B 211 19.49 3.86 6.73
CA LEU B 211 18.97 4.29 5.43
C LEU B 211 18.59 5.77 5.52
N ALA B 212 19.13 6.59 4.62
CA ALA B 212 18.89 8.03 4.65
C ALA B 212 18.50 8.54 3.28
N ILE B 213 17.62 9.54 3.28
CA ILE B 213 17.21 10.26 2.08
C ILE B 213 17.36 11.77 2.32
N GLY B 214 17.79 12.50 1.29
CA GLY B 214 18.00 13.95 1.38
C GLY B 214 17.60 14.72 0.13
N SER B 215 17.18 15.97 0.32
CA SER B 215 16.85 16.87 -0.82
C SER B 215 17.36 18.29 -0.57
N PRO B 216 17.61 19.04 -1.65
CA PRO B 216 18.08 20.42 -1.51
C PRO B 216 17.00 21.36 -0.95
N ASP B 217 15.75 21.11 -1.30
CA ASP B 217 14.64 21.87 -0.76
C ASP B 217 14.54 21.52 0.72
N PRO B 218 14.73 22.52 1.61
CA PRO B 218 14.66 22.22 3.05
C PRO B 218 13.24 22.04 3.57
N GLN B 219 12.24 22.26 2.72
CA GLN B 219 10.83 22.06 3.09
C GLN B 219 10.43 20.60 2.90
N HIS B 220 11.12 19.94 1.98
CA HIS B 220 10.93 18.53 1.65
C HIS B 220 11.67 17.73 2.73
N TYR B 221 11.02 16.72 3.32
CA TYR B 221 11.61 15.94 4.44
C TYR B 221 11.87 16.77 5.73
N LYS B 222 10.93 17.63 6.08
CA LYS B 222 10.96 18.32 7.36
C LYS B 222 9.92 17.73 8.32
N SER B 223 8.87 17.12 7.76
CA SER B 223 7.78 16.55 8.55
C SER B 223 7.71 15.04 8.38
N SER B 224 6.97 14.39 9.29
CA SER B 224 6.71 12.96 9.21
C SER B 224 5.98 12.62 7.92
N LEU B 225 5.05 13.49 7.53
CA LEU B 225 4.22 13.31 6.32
C LEU B 225 5.04 13.06 5.05
N GLY B 226 5.99 13.97 4.78
CA GLY B 226 6.86 13.85 3.62
C GLY B 226 7.80 12.64 3.67
N THR B 227 8.19 12.24 4.88
CA THR B 227 9.14 11.15 5.09
C THR B 227 8.49 9.82 5.53
N LEU B 228 7.16 9.69 5.40
CA LEU B 228 6.48 8.47 5.88
C LEU B 228 6.87 7.20 5.13
N PHE B 229 7.08 7.29 3.81
CA PHE B 229 7.45 6.13 3.03
C PHE B 229 8.76 5.51 3.52
N LEU B 230 9.72 6.37 3.89
CA LEU B 230 11.02 5.91 4.38
C LEU B 230 10.90 4.85 5.48
N GLY B 231 10.03 5.10 6.45
CA GLY B 231 9.79 4.15 7.54
C GLY B 231 9.16 2.86 7.08
N TYR B 232 8.30 2.93 6.08
CA TYR B 232 7.66 1.73 5.57
C TYR B 232 8.71 0.86 4.87
N VAL B 233 9.54 1.47 4.05
CA VAL B 233 10.63 0.77 3.36
C VAL B 233 11.57 0.12 4.38
N ALA B 234 12.00 0.91 5.37
CA ALA B 234 12.88 0.41 6.43
C ALA B 234 12.31 -0.79 7.18
N GLU B 235 10.99 -0.83 7.35
CA GLU B 235 10.32 -1.93 8.05
C GLU B 235 10.51 -3.21 7.25
N VAL B 236 10.30 -3.13 5.94
CA VAL B 236 10.43 -4.30 5.07
C VAL B 236 11.89 -4.65 4.84
N LEU B 237 12.69 -3.64 4.48
CA LEU B 237 14.11 -3.85 4.24
C LEU B 237 14.80 -4.45 5.46
N ALA B 238 14.49 -3.95 6.65
CA ALA B 238 15.05 -4.52 7.87
C ALA B 238 14.69 -6.00 8.07
N ARG B 239 13.51 -6.45 7.60
CA ARG B 239 13.12 -7.87 7.73
C ARG B 239 13.77 -8.77 6.69
N VAL B 240 14.28 -8.17 5.61
CA VAL B 240 14.84 -8.89 4.48
C VAL B 240 16.35 -9.06 4.62
N LEU B 241 17.02 -8.10 5.24
CA LEU B 241 18.47 -8.15 5.40
C LEU B 241 18.98 -9.38 6.18
N PRO B 242 18.30 -9.79 7.27
CA PRO B 242 18.71 -10.99 8.02
C PRO B 242 18.80 -12.28 7.20
N ARG B 243 18.02 -12.39 6.13
CA ARG B 243 18.07 -13.56 5.24
C ARG B 243 19.38 -13.70 4.46
N PHE B 244 20.36 -12.83 4.74
CA PHE B 244 21.65 -12.87 4.05
C PHE B 244 22.78 -12.79 5.04
#